data_3GOI
#
_entry.id   3GOI
#
_cell.length_a   80.085
_cell.length_b   80.085
_cell.length_c   323.974
_cell.angle_alpha   90.000
_cell.angle_beta   90.000
_cell.angle_gamma   120.000
#
_symmetry.space_group_name_H-M   'P 65 2 2'
#
loop_
_entity.id
_entity.type
_entity.pdbx_description
1 polymer Glucokinase
2 non-polymer alpha-D-glucopyranose
3 non-polymer 2-(methylamino)-N-(4-methyl-1,3-thiazol-2-yl)-5-[(4-methyl-4H-1,2,4-triazol-3-yl)sulfanyl]benzamide
4 water water
#
_entity_poly.entity_id   1
_entity_poly.type   'polypeptide(L)'
_entity_poly.pdbx_seq_one_letter_code
;TALTLVEQILAEFQLQEEDLKKVMRRMQKEMDRGLRLETHEEASVKMLPTYVRSTPEGSEVGDFLSLDLGGTNFRVMLVK
VGEGEEGQWSVKTKHQMYSIPEDAMTGTAEMLFDYISECISDFLDKHQMKHKKLPLGFTFSFPVRHEDIDKGILLNWTKG
FKASGAEGNNVVGLLRDAIKRRGDFEMDVVAMVNDTVATMISCYYEDHQCEVGMIVGTGCNACYMEEMQNVELVEGDEGR
MCVNTEWGAFGDSGELDEFLLEYDRLVDESSANPGQQLYEKLIGGKYMGELVRLVLLRLVDENLLFHGEASEQLRTRGAF
ETRFVSQVESDTGDRKQIYNILSTLGLRPSTTDCDIVRRACESVSTRAAHMCSAGLAGVINRMRESRSEDVMRITVGVDG
SVYKLHPSFKERFHASVRRLTPSCEITFIESEEGSGRGAALVSAVACKKACMLGQ
;
_entity_poly.pdbx_strand_id   A
#
# COMPACT_ATOMS: atom_id res chain seq x y z
N THR A 4 -28.72 8.54 -23.29
CA THR A 4 -27.40 8.76 -22.54
C THR A 4 -26.46 9.74 -23.35
N LEU A 5 -25.76 10.59 -22.60
CA LEU A 5 -24.43 11.11 -22.93
C LEU A 5 -23.53 10.60 -21.77
N VAL A 6 -24.18 9.96 -20.79
CA VAL A 6 -23.62 9.45 -19.56
C VAL A 6 -22.83 8.20 -19.85
N GLU A 7 -23.40 7.27 -20.56
CA GLU A 7 -22.79 5.99 -20.62
C GLU A 7 -21.54 6.00 -21.42
N GLN A 8 -21.50 6.92 -22.37
CA GLN A 8 -20.31 7.14 -23.17
C GLN A 8 -19.23 7.77 -22.37
N ILE A 9 -19.55 8.79 -21.55
CA ILE A 9 -18.59 9.33 -20.59
C ILE A 9 -18.00 8.31 -19.56
N LEU A 10 -18.84 7.48 -18.97
CA LEU A 10 -18.38 6.46 -18.09
C LEU A 10 -17.59 5.34 -18.79
N ALA A 11 -17.90 5.10 -20.05
CA ALA A 11 -17.34 3.99 -20.81
C ALA A 11 -15.86 4.23 -21.06
N GLU A 12 -15.41 5.45 -20.94
CA GLU A 12 -13.99 5.72 -21.06
C GLU A 12 -13.13 4.96 -20.03
N PHE A 13 -13.76 4.50 -18.95
CA PHE A 13 -13.12 3.71 -17.88
C PHE A 13 -12.94 2.27 -18.20
N GLN A 14 -13.62 1.76 -19.19
CA GLN A 14 -13.50 0.33 -19.41
C GLN A 14 -12.12 -0.08 -19.89
N LEU A 15 -11.79 -1.37 -19.73
CA LEU A 15 -10.52 -1.90 -20.18
C LEU A 15 -10.84 -3.23 -20.75
N GLN A 16 -10.49 -3.46 -21.98
CA GLN A 16 -10.72 -4.77 -22.56
C GLN A 16 -9.74 -5.75 -21.98
N GLU A 17 -9.97 -7.00 -22.16
CA GLU A 17 -9.01 -7.99 -21.81
C GLU A 17 -7.59 -7.72 -22.37
N GLU A 18 -7.46 -7.20 -23.57
CA GLU A 18 -6.17 -6.98 -24.13
C GLU A 18 -5.53 -5.75 -23.55
N ASP A 19 -6.32 -4.79 -23.12
CA ASP A 19 -5.79 -3.76 -22.32
C ASP A 19 -5.06 -4.37 -21.07
N LEU A 20 -5.72 -5.21 -20.26
CA LEU A 20 -5.11 -5.70 -19.07
C LEU A 20 -3.83 -6.45 -19.35
N LYS A 21 -3.84 -7.25 -20.40
CA LYS A 21 -2.69 -8.01 -20.79
C LYS A 21 -1.53 -7.16 -21.22
N LYS A 22 -1.82 -6.10 -21.94
CA LYS A 22 -0.82 -5.15 -22.25
C LYS A 22 -0.16 -4.58 -20.98
N VAL A 23 -0.94 -4.19 -19.99
CA VAL A 23 -0.43 -3.55 -18.80
C VAL A 23 0.36 -4.64 -17.98
N MET A 24 -0.16 -5.88 -18.00
CA MET A 24 0.49 -6.99 -17.37
C MET A 24 1.86 -7.15 -17.97
N ARG A 25 1.93 -7.27 -19.29
CA ARG A 25 3.20 -7.47 -19.92
C ARG A 25 4.16 -6.31 -19.78
N ARG A 26 3.61 -5.11 -19.78
CA ARG A 26 4.50 -4.00 -19.62
C ARG A 26 5.02 -4.00 -18.13
N MET A 27 4.21 -4.45 -17.20
CA MET A 27 4.57 -4.33 -15.84
C MET A 27 5.72 -5.30 -15.54
N GLN A 28 5.56 -6.54 -16.04
CA GLN A 28 6.56 -7.59 -15.92
C GLN A 28 7.91 -7.14 -16.49
N LYS A 29 7.88 -6.36 -17.56
CA LYS A 29 9.05 -5.83 -18.16
C LYS A 29 9.73 -4.83 -17.27
N GLU A 30 8.95 -3.85 -16.82
CA GLU A 30 9.45 -2.90 -15.86
C GLU A 30 10.04 -3.62 -14.59
N MET A 31 9.45 -4.74 -14.17
CA MET A 31 9.95 -5.50 -13.05
C MET A 31 11.29 -6.05 -13.41
N ASP A 32 11.39 -6.58 -14.61
CA ASP A 32 12.64 -7.07 -15.02
C ASP A 32 13.80 -6.07 -15.06
N ARG A 33 13.51 -4.88 -15.57
CA ARG A 33 14.38 -3.74 -15.65
C ARG A 33 14.79 -3.19 -14.29
N GLY A 34 13.86 -3.05 -13.36
CA GLY A 34 14.21 -2.71 -12.02
C GLY A 34 15.22 -3.67 -11.33
N LEU A 35 15.29 -4.93 -11.80
CA LEU A 35 16.11 -5.86 -11.07
C LEU A 35 17.55 -5.93 -11.57
N ARG A 36 17.81 -5.47 -12.79
CA ARG A 36 19.05 -5.70 -13.46
C ARG A 36 19.92 -4.51 -13.33
N LEU A 37 21.23 -4.75 -13.27
CA LEU A 37 22.14 -3.66 -12.85
C LEU A 37 22.14 -2.53 -13.87
N GLU A 38 22.07 -2.89 -15.17
CA GLU A 38 22.08 -1.88 -16.24
C GLU A 38 20.89 -0.91 -16.21
N THR A 39 19.77 -1.23 -15.52
CA THR A 39 18.52 -0.45 -15.70
C THR A 39 17.93 -0.15 -14.38
N HIS A 40 18.53 -0.65 -13.29
CA HIS A 40 17.91 -0.33 -12.02
C HIS A 40 17.80 1.15 -11.73
N GLU A 41 18.71 1.98 -12.23
CA GLU A 41 18.81 3.31 -11.66
C GLU A 41 17.62 4.13 -12.11
N GLU A 42 17.19 3.84 -13.34
CA GLU A 42 16.26 4.65 -14.06
C GLU A 42 14.91 3.94 -14.25
N ALA A 43 14.73 2.79 -13.66
CA ALA A 43 13.52 2.07 -13.78
C ALA A 43 12.45 2.81 -12.95
N SER A 44 11.29 2.98 -13.54
CA SER A 44 10.12 3.43 -12.82
C SER A 44 9.67 2.42 -11.76
N VAL A 45 9.78 1.11 -11.98
CA VAL A 45 9.38 0.12 -10.92
C VAL A 45 10.71 -0.31 -10.33
N LYS A 46 11.05 0.18 -9.14
CA LYS A 46 12.45 0.10 -8.64
C LYS A 46 12.75 -1.30 -8.15
N MET A 47 11.77 -2.08 -7.74
CA MET A 47 12.24 -3.43 -7.41
C MET A 47 13.35 -3.49 -6.26
N LEU A 48 13.05 -2.94 -5.10
CA LEU A 48 14.02 -2.67 -4.01
C LEU A 48 14.26 -3.92 -3.16
N PRO A 49 15.52 -4.47 -3.15
CA PRO A 49 15.85 -5.50 -2.19
C PRO A 49 15.48 -5.08 -0.76
N THR A 50 14.97 -6.02 0.03
CA THR A 50 14.58 -5.66 1.35
C THR A 50 15.44 -6.31 2.42
N TYR A 51 16.29 -7.24 2.03
CA TYR A 51 17.09 -8.04 2.98
C TYR A 51 16.23 -8.90 3.83
N VAL A 52 14.92 -8.99 3.57
CA VAL A 52 14.20 -10.20 4.14
C VAL A 52 14.52 -11.48 3.33
N ARG A 53 14.92 -12.57 3.99
CA ARG A 53 15.50 -13.71 3.23
C ARG A 53 14.79 -14.97 3.59
N SER A 54 14.87 -15.94 2.68
CA SER A 54 14.26 -17.26 2.89
C SER A 54 14.98 -18.17 3.89
N THR A 55 14.40 -19.35 4.14
CA THR A 55 14.73 -20.18 5.31
C THR A 55 15.11 -19.31 6.54
N PRO A 56 14.10 -18.79 7.26
CA PRO A 56 14.49 -17.97 8.44
C PRO A 56 15.45 -18.76 9.45
N GLU A 57 15.03 -19.93 9.92
CA GLU A 57 15.90 -20.83 10.74
C GLU A 57 16.15 -20.33 12.19
N GLY A 58 15.05 -20.13 12.94
CA GLY A 58 15.11 -19.78 14.38
C GLY A 58 15.41 -18.33 14.76
N SER A 59 14.65 -17.85 15.77
CA SER A 59 14.58 -16.42 16.15
C SER A 59 14.39 -16.24 17.66
N GLU A 60 14.44 -14.99 18.10
CA GLU A 60 14.18 -14.65 19.48
C GLU A 60 12.70 -14.78 19.79
N VAL A 61 12.30 -14.55 21.04
CA VAL A 61 10.93 -14.75 21.47
C VAL A 61 10.65 -13.67 22.51
N GLY A 62 9.44 -13.63 23.03
CA GLY A 62 9.07 -12.60 23.95
C GLY A 62 8.68 -11.32 23.28
N ASP A 63 8.66 -10.27 24.02
CA ASP A 63 7.94 -9.12 23.62
C ASP A 63 8.73 -8.30 22.62
N PHE A 64 8.00 -7.60 21.70
CA PHE A 64 8.54 -6.73 20.66
C PHE A 64 7.72 -5.51 20.45
N LEU A 65 8.37 -4.45 20.07
CA LEU A 65 7.63 -3.24 19.91
C LEU A 65 7.67 -2.89 18.44
N SER A 66 6.50 -2.53 17.84
CA SER A 66 6.48 -2.19 16.37
C SER A 66 5.87 -0.91 16.16
N LEU A 67 6.43 -0.13 15.29
CA LEU A 67 5.80 1.12 14.86
C LEU A 67 5.28 1.06 13.40
N ASP A 68 4.23 1.79 13.14
CA ASP A 68 3.79 1.89 11.88
C ASP A 68 3.58 3.30 11.43
N LEU A 69 4.41 3.79 10.53
CA LEU A 69 4.19 5.11 10.01
C LEU A 69 3.91 4.94 8.55
N GLY A 70 2.95 5.72 8.02
CA GLY A 70 2.64 5.71 6.59
C GLY A 70 1.17 5.54 6.32
N GLY A 71 0.45 4.84 7.23
CA GLY A 71 -1.01 5.04 7.35
C GLY A 71 -1.23 6.48 7.81
N THR A 72 -2.47 6.98 7.74
CA THR A 72 -2.77 8.41 8.05
C THR A 72 -2.47 8.69 9.53
N ASN A 73 -2.88 7.74 10.35
CA ASN A 73 -2.41 7.65 11.71
C ASN A 73 -1.03 7.01 11.80
N PHE A 74 -0.53 6.96 13.01
CA PHE A 74 0.74 6.35 13.25
C PHE A 74 0.52 5.45 14.45
N ARG A 75 1.07 4.27 14.46
CA ARG A 75 0.61 3.30 15.47
C ARG A 75 1.74 2.67 16.26
N VAL A 76 1.53 2.41 17.55
CA VAL A 76 2.66 1.93 18.30
C VAL A 76 2.12 0.69 18.93
N MET A 77 2.80 -0.46 18.83
CA MET A 77 2.22 -1.63 19.50
C MET A 77 3.20 -2.58 20.13
N LEU A 78 2.71 -3.39 21.04
CA LEU A 78 3.54 -4.40 21.61
C LEU A 78 3.13 -5.73 21.02
N VAL A 79 4.09 -6.46 20.51
CA VAL A 79 3.74 -7.77 19.97
C VAL A 79 4.52 -8.83 20.63
N LYS A 80 3.92 -9.95 20.97
CA LYS A 80 4.61 -10.99 21.66
C LYS A 80 4.82 -12.17 20.74
N VAL A 81 6.05 -12.70 20.67
CA VAL A 81 6.41 -13.73 19.73
C VAL A 81 6.89 -14.99 20.42
N GLY A 82 6.21 -16.09 20.27
CA GLY A 82 6.73 -17.35 20.77
C GLY A 82 6.86 -18.39 19.70
N GLU A 83 7.08 -19.63 20.12
CA GLU A 83 7.37 -20.76 19.33
C GLU A 83 6.15 -21.63 19.08
N GLY A 84 5.87 -21.90 17.81
CA GLY A 84 4.77 -22.76 17.44
C GLY A 84 5.48 -23.78 16.62
N GLU A 85 4.77 -24.78 16.15
CA GLU A 85 5.42 -25.88 15.45
C GLU A 85 5.86 -25.42 14.09
N GLU A 86 5.09 -24.49 13.53
CA GLU A 86 5.27 -24.24 12.13
C GLU A 86 6.55 -23.46 11.96
N GLY A 87 6.65 -22.48 12.87
CA GLY A 87 7.58 -21.36 12.91
C GLY A 87 7.10 -20.54 14.13
N GLN A 88 7.36 -19.24 14.14
CA GLN A 88 6.97 -18.40 15.26
C GLN A 88 5.49 -17.92 15.31
N TRP A 89 4.76 -18.14 16.42
CA TRP A 89 3.46 -17.49 16.53
C TRP A 89 3.69 -16.09 16.88
N SER A 90 2.64 -15.28 16.84
CA SER A 90 2.76 -13.93 17.29
C SER A 90 1.39 -13.27 17.50
N VAL A 91 1.32 -12.26 18.35
CA VAL A 91 0.05 -11.69 18.67
C VAL A 91 0.22 -10.34 19.22
N LYS A 92 -0.59 -9.38 18.74
CA LYS A 92 -0.58 -8.02 19.22
C LYS A 92 -1.14 -7.99 20.64
N THR A 93 -0.52 -7.25 21.58
CA THR A 93 -1.03 -7.28 23.00
C THR A 93 -1.38 -5.89 23.51
N LYS A 94 -0.77 -4.87 22.94
CA LYS A 94 -1.16 -3.50 23.25
C LYS A 94 -0.96 -2.66 22.00
N HIS A 95 -1.79 -1.62 21.83
CA HIS A 95 -1.83 -0.84 20.61
C HIS A 95 -2.29 0.59 20.92
N GLN A 96 -1.89 1.60 20.16
CA GLN A 96 -2.51 2.89 20.27
C GLN A 96 -2.22 3.70 19.01
N MET A 97 -3.23 4.40 18.45
CA MET A 97 -3.04 5.32 17.29
C MET A 97 -2.73 6.71 17.75
N TYR A 98 -2.01 7.46 16.93
CA TYR A 98 -1.73 8.86 17.21
C TYR A 98 -1.93 9.56 15.92
N SER A 99 -2.84 10.51 15.93
CA SER A 99 -2.97 11.51 14.89
C SER A 99 -1.61 12.17 14.66
N ILE A 100 -1.46 12.83 13.52
CA ILE A 100 -0.20 13.44 13.16
C ILE A 100 -0.46 14.87 12.72
N PRO A 101 -0.20 15.85 13.61
CA PRO A 101 -0.50 17.28 13.37
C PRO A 101 0.13 17.82 12.09
N GLU A 102 -0.57 18.65 11.28
CA GLU A 102 0.05 19.23 10.05
C GLU A 102 1.29 20.13 10.28
N ASP A 103 1.51 20.59 11.51
CA ASP A 103 2.69 21.39 11.82
C ASP A 103 3.93 20.49 11.95
N ALA A 104 3.71 19.22 12.31
CA ALA A 104 4.73 18.17 12.18
C ALA A 104 4.94 17.70 10.71
N MET A 105 3.86 17.22 10.07
CA MET A 105 3.81 16.86 8.65
C MET A 105 4.43 17.83 7.64
N THR A 106 4.26 19.14 7.82
CA THR A 106 4.94 20.15 6.95
C THR A 106 6.34 20.47 7.53
N GLY A 107 6.65 19.85 8.66
CA GLY A 107 7.83 20.14 9.42
C GLY A 107 9.15 19.84 8.74
N THR A 108 10.16 19.66 9.57
CA THR A 108 11.35 19.09 9.08
C THR A 108 11.22 17.62 9.48
N ALA A 109 12.08 16.80 8.91
CA ALA A 109 12.14 15.41 9.22
C ALA A 109 12.32 15.18 10.72
N GLU A 110 13.43 15.69 11.24
CA GLU A 110 13.80 15.47 12.65
C GLU A 110 12.69 15.98 13.62
N MET A 111 11.82 16.85 13.12
CA MET A 111 10.71 17.34 13.90
C MET A 111 9.76 16.13 13.98
N LEU A 112 9.33 15.66 12.81
CA LEU A 112 8.39 14.57 12.69
C LEU A 112 8.84 13.35 13.49
N PHE A 113 10.12 13.03 13.44
CA PHE A 113 10.58 11.90 14.26
C PHE A 113 10.68 12.27 15.75
N ASP A 114 10.75 13.57 16.07
CA ASP A 114 10.49 13.93 17.44
C ASP A 114 9.05 13.70 17.83
N TYR A 115 8.11 14.24 17.04
CA TYR A 115 6.71 13.84 17.32
C TYR A 115 6.50 12.32 17.50
N ILE A 116 7.09 11.50 16.63
CA ILE A 116 7.02 10.06 16.74
C ILE A 116 7.64 9.61 18.06
N SER A 117 8.78 10.20 18.42
CA SER A 117 9.45 9.91 19.71
C SER A 117 8.59 10.27 20.93
N GLU A 118 7.89 11.40 20.82
CA GLU A 118 6.97 11.78 21.90
C GLU A 118 5.92 10.65 22.04
N CYS A 119 5.36 10.24 20.91
CA CYS A 119 4.30 9.23 20.94
C CYS A 119 4.79 7.93 21.56
N ILE A 120 6.07 7.63 21.37
CA ILE A 120 6.58 6.38 21.88
C ILE A 120 6.64 6.42 23.40
N SER A 121 7.22 7.51 23.93
CA SER A 121 7.25 7.69 25.40
C SER A 121 5.85 7.69 25.99
N ASP A 122 4.92 8.41 25.37
CA ASP A 122 3.55 8.46 25.86
C ASP A 122 3.06 7.07 26.09
N PHE A 123 3.24 6.23 25.06
CA PHE A 123 2.74 4.85 25.03
C PHE A 123 3.39 4.02 26.10
N LEU A 124 4.69 4.22 26.31
CA LEU A 124 5.42 3.48 27.35
C LEU A 124 5.14 3.97 28.82
N ASP A 125 4.71 5.24 28.99
CA ASP A 125 4.23 5.69 30.30
C ASP A 125 3.03 4.83 30.55
N LYS A 126 1.99 5.09 29.74
CA LYS A 126 0.64 4.58 29.92
C LYS A 126 0.66 3.09 30.05
N HIS A 127 1.82 2.47 29.85
CA HIS A 127 1.87 1.02 30.00
C HIS A 127 2.78 0.37 31.03
N GLN A 128 3.33 1.19 31.96
CA GLN A 128 4.33 0.71 32.95
C GLN A 128 5.63 0.35 32.27
N MET A 129 6.03 1.07 31.23
CA MET A 129 7.05 0.46 30.36
C MET A 129 8.37 1.17 30.09
N LYS A 130 8.42 2.47 30.35
CA LYS A 130 9.63 3.21 30.04
C LYS A 130 10.94 2.46 30.29
N HIS A 131 11.01 1.65 31.35
CA HIS A 131 12.23 0.95 31.76
C HIS A 131 12.58 -0.42 31.06
N LYS A 132 11.92 -0.75 29.95
CA LYS A 132 12.49 -1.87 29.21
C LYS A 132 13.17 -1.23 27.99
N LYS A 133 14.30 -1.78 27.55
CA LYS A 133 14.90 -1.44 26.22
C LYS A 133 14.30 -2.63 25.49
N LEU A 134 13.43 -2.30 24.52
CA LEU A 134 12.76 -3.36 23.76
C LEU A 134 13.33 -3.52 22.35
N PRO A 135 13.34 -4.72 21.78
CA PRO A 135 13.70 -4.68 20.33
C PRO A 135 12.53 -4.05 19.50
N LEU A 136 12.81 -3.14 18.60
CA LEU A 136 11.80 -2.47 17.82
C LEU A 136 11.87 -2.68 16.27
N GLY A 137 10.82 -3.34 15.76
CA GLY A 137 10.61 -3.53 14.30
C GLY A 137 9.81 -2.33 13.85
N PHE A 138 10.22 -1.72 12.75
CA PHE A 138 9.58 -0.48 12.29
C PHE A 138 8.92 -0.68 10.86
N THR A 139 7.55 -0.58 10.72
CA THR A 139 6.90 -0.75 9.41
C THR A 139 6.85 0.61 8.94
N PHE A 140 7.56 0.91 7.87
CA PHE A 140 7.68 2.27 7.37
C PHE A 140 7.29 2.03 5.93
N SER A 141 6.08 2.46 5.52
CA SER A 141 5.43 2.20 4.19
C SER A 141 5.80 3.21 3.15
N PHE A 142 7.10 3.33 2.87
CA PHE A 142 7.53 4.33 1.80
C PHE A 142 8.69 3.78 0.98
N PRO A 143 8.87 4.31 -0.21
CA PRO A 143 9.99 3.65 -0.87
C PRO A 143 11.32 3.86 -0.09
N VAL A 144 12.11 2.80 0.14
CA VAL A 144 13.47 2.85 0.75
C VAL A 144 14.56 1.99 0.05
N ARG A 145 15.75 2.55 -0.21
CA ARG A 145 16.84 1.73 -0.75
C ARG A 145 17.62 1.33 0.45
N HIS A 146 17.64 0.03 0.73
CA HIS A 146 18.27 -0.53 1.87
C HIS A 146 19.71 -0.84 1.58
N GLU A 147 20.53 -0.83 2.66
CA GLU A 147 21.88 -1.44 2.68
C GLU A 147 21.74 -2.64 3.59
N ASP A 148 20.74 -2.58 4.43
CA ASP A 148 20.55 -3.73 5.21
C ASP A 148 19.20 -3.66 5.83
N ILE A 149 18.94 -4.63 6.65
CA ILE A 149 17.62 -4.91 7.12
C ILE A 149 17.25 -3.84 8.10
N ASP A 150 18.25 -3.03 8.45
CA ASP A 150 18.11 -2.10 9.53
C ASP A 150 18.66 -0.77 9.14
N LYS A 151 18.72 -0.51 7.83
CA LYS A 151 19.31 0.74 7.32
C LYS A 151 18.95 0.88 5.86
N GLY A 152 18.34 2.03 5.49
CA GLY A 152 18.21 2.40 4.13
C GLY A 152 17.68 3.81 4.03
N ILE A 153 17.84 4.47 2.89
CA ILE A 153 17.40 5.84 2.70
C ILE A 153 15.99 5.93 2.12
N LEU A 154 15.25 6.96 2.55
CA LEU A 154 13.96 7.31 1.94
C LEU A 154 14.23 7.70 0.49
N LEU A 155 13.64 7.06 -0.51
CA LEU A 155 13.88 7.51 -1.86
C LEU A 155 13.08 8.77 -2.08
N ASN A 156 11.79 8.77 -1.74
CA ASN A 156 10.96 9.98 -1.82
C ASN A 156 9.65 9.73 -1.08
N TRP A 157 8.96 10.76 -0.65
CA TRP A 157 7.73 10.49 0.10
C TRP A 157 6.63 10.20 -0.91
N THR A 158 5.57 9.45 -0.53
CA THR A 158 4.42 9.27 -1.36
C THR A 158 3.15 9.50 -0.50
N LYS A 159 1.98 9.48 -1.14
CA LYS A 159 0.68 9.53 -0.39
C LYS A 159 0.45 10.85 0.34
N GLY A 160 0.96 11.92 -0.25
CA GLY A 160 0.85 13.29 0.33
C GLY A 160 1.77 13.75 1.48
N PHE A 161 2.56 12.83 2.03
CA PHE A 161 3.55 13.12 3.06
C PHE A 161 4.59 14.07 2.55
N LYS A 162 5.04 15.02 3.38
CA LYS A 162 6.05 15.94 2.85
C LYS A 162 7.18 16.51 3.73
N ALA A 163 7.29 16.05 4.99
CA ALA A 163 8.35 16.50 5.91
C ALA A 163 9.65 16.67 5.21
N SER A 164 10.29 17.78 5.48
CA SER A 164 11.42 18.25 4.65
C SER A 164 12.69 17.62 5.15
N GLY A 165 13.70 17.57 4.28
CA GLY A 165 14.95 16.93 4.63
C GLY A 165 14.84 15.50 5.13
N ALA A 166 13.91 14.69 4.60
CA ALA A 166 14.04 13.23 4.92
C ALA A 166 14.50 12.42 3.72
N GLU A 167 14.03 12.85 2.57
CA GLU A 167 14.36 12.22 1.31
C GLU A 167 15.85 12.17 1.29
N GLY A 168 16.40 10.98 1.17
CA GLY A 168 17.82 10.83 0.87
C GLY A 168 18.60 10.49 2.09
N ASN A 169 17.96 10.36 3.26
CA ASN A 169 18.68 10.05 4.53
C ASN A 169 18.26 8.76 5.10
N ASN A 170 18.99 8.34 6.13
CA ASN A 170 18.84 7.02 6.65
C ASN A 170 17.65 6.99 7.61
N VAL A 171 16.49 6.68 7.07
CA VAL A 171 15.30 6.70 7.87
C VAL A 171 15.50 6.16 9.31
N VAL A 172 16.10 4.95 9.47
CA VAL A 172 16.32 4.41 10.78
C VAL A 172 17.24 5.32 11.65
N GLY A 173 18.28 5.90 11.09
CA GLY A 173 19.03 6.93 11.79
C GLY A 173 18.17 8.09 12.21
N LEU A 174 17.21 8.50 11.41
CA LEU A 174 16.30 9.50 11.91
C LEU A 174 15.64 9.04 13.22
N LEU A 175 15.08 7.85 13.22
CA LEU A 175 14.37 7.33 14.38
C LEU A 175 15.24 7.34 15.64
N ARG A 176 16.34 6.59 15.60
CA ARG A 176 17.49 6.70 16.52
C ARG A 176 17.93 8.10 17.08
N ASP A 177 17.99 9.12 16.23
CA ASP A 177 18.42 10.46 16.67
C ASP A 177 17.21 11.20 17.23
N ALA A 178 16.24 10.47 17.68
CA ALA A 178 15.12 11.18 18.17
C ALA A 178 14.88 10.50 19.49
N ILE A 179 14.90 9.16 19.46
CA ILE A 179 14.96 8.38 20.66
C ILE A 179 16.14 8.76 21.59
N LYS A 180 17.36 8.85 21.03
CA LYS A 180 18.50 9.33 21.81
C LYS A 180 18.39 10.84 22.15
N ARG A 181 17.76 11.63 21.24
CA ARG A 181 17.60 13.09 21.38
C ARG A 181 16.52 13.46 22.38
N ARG A 182 16.15 12.56 23.27
CA ARG A 182 15.10 12.86 24.23
C ARG A 182 15.23 11.96 25.46
N GLY A 183 16.43 11.39 25.64
CA GLY A 183 16.81 10.67 26.87
C GLY A 183 15.81 9.72 27.52
N ASP A 184 14.51 10.02 27.40
CA ASP A 184 13.46 9.34 28.17
C ASP A 184 13.53 7.83 28.13
N PHE A 185 13.97 7.26 27.00
CA PHE A 185 13.94 5.80 26.85
C PHE A 185 15.00 5.22 25.91
N GLU A 186 15.21 3.90 26.08
CA GLU A 186 16.09 3.07 25.29
C GLU A 186 15.31 2.05 24.42
N MET A 187 15.63 2.02 23.11
CA MET A 187 15.01 1.15 22.08
C MET A 187 16.07 0.64 21.07
N ASP A 188 16.20 -0.70 20.96
CA ASP A 188 17.04 -1.36 19.96
C ASP A 188 16.30 -1.54 18.62
N VAL A 189 16.47 -0.59 17.71
CA VAL A 189 15.89 -0.62 16.38
C VAL A 189 16.60 -1.68 15.59
N VAL A 190 16.03 -2.87 15.56
CA VAL A 190 16.61 -4.06 14.95
C VAL A 190 16.25 -4.35 13.41
N ALA A 191 15.26 -3.62 12.83
CA ALA A 191 14.60 -4.03 11.56
C ALA A 191 13.65 -2.97 11.03
N MET A 192 13.79 -2.60 9.77
CA MET A 192 12.74 -1.76 9.15
C MET A 192 12.16 -2.45 7.92
N VAL A 193 10.82 -2.45 7.80
CA VAL A 193 10.17 -3.07 6.68
C VAL A 193 9.06 -2.20 6.04
N ASN A 194 8.88 -2.36 4.71
CA ASN A 194 7.64 -1.91 4.01
C ASN A 194 6.31 -2.66 4.53
N ASP A 195 5.12 -2.02 4.40
CA ASP A 195 3.86 -2.66 4.73
C ASP A 195 3.57 -3.93 3.97
N THR A 196 4.02 -3.96 2.74
CA THR A 196 3.78 -5.11 1.95
C THR A 196 4.52 -6.27 2.56
N VAL A 197 5.77 -6.04 2.94
CA VAL A 197 6.62 -7.17 3.43
C VAL A 197 6.03 -7.63 4.80
N ALA A 198 5.68 -6.67 5.64
CA ALA A 198 5.13 -7.00 6.98
C ALA A 198 3.94 -7.87 6.77
N THR A 199 3.02 -7.46 5.92
CA THR A 199 1.80 -8.30 5.61
C THR A 199 2.10 -9.69 5.11
N MET A 200 3.03 -9.77 4.18
CA MET A 200 3.39 -11.05 3.66
C MET A 200 3.83 -11.93 4.83
N ILE A 201 4.70 -11.39 5.68
CA ILE A 201 5.48 -12.19 6.62
C ILE A 201 4.53 -12.71 7.70
N SER A 202 3.57 -11.90 8.10
CA SER A 202 2.59 -12.32 9.09
C SER A 202 1.67 -13.41 8.61
N CYS A 203 1.59 -13.66 7.31
CA CYS A 203 0.79 -14.80 6.87
C CYS A 203 1.55 -16.07 6.86
N TYR A 204 2.84 -16.04 7.17
CA TYR A 204 3.71 -17.22 7.06
C TYR A 204 3.39 -18.34 8.03
N TYR A 205 3.09 -18.00 9.27
CA TYR A 205 2.79 -19.00 10.23
C TYR A 205 1.68 -19.94 9.67
N GLU A 206 0.50 -19.39 9.30
CA GLU A 206 -0.61 -20.27 8.87
C GLU A 206 -0.51 -20.74 7.44
N ASP A 207 0.40 -20.18 6.64
CA ASP A 207 0.53 -20.58 5.24
C ASP A 207 1.89 -20.26 4.63
N HIS A 208 2.80 -21.25 4.66
CA HIS A 208 4.16 -21.15 4.05
C HIS A 208 4.20 -20.89 2.53
N GLN A 209 3.10 -21.08 1.82
CA GLN A 209 3.19 -20.64 0.43
C GLN A 209 2.93 -19.16 0.30
N CYS A 210 2.67 -18.45 1.38
CA CYS A 210 2.49 -17.03 1.20
C CYS A 210 3.77 -16.41 0.74
N GLU A 211 3.95 -16.08 -0.53
CA GLU A 211 5.18 -15.47 -0.96
C GLU A 211 4.98 -14.12 -1.65
N VAL A 212 3.82 -13.48 -1.47
CA VAL A 212 3.55 -12.14 -2.09
C VAL A 212 2.75 -11.40 -1.04
N GLY A 213 3.03 -10.14 -0.84
CA GLY A 213 2.21 -9.35 -0.01
C GLY A 213 1.77 -8.16 -0.88
N MET A 214 0.55 -7.68 -0.58
CA MET A 214 -0.08 -6.64 -1.39
C MET A 214 -0.85 -5.75 -0.49
N ILE A 215 -0.79 -4.46 -0.73
CA ILE A 215 -1.58 -3.55 0.06
C ILE A 215 -2.44 -2.85 -0.97
N VAL A 216 -3.76 -2.78 -0.78
CA VAL A 216 -4.59 -1.87 -1.64
C VAL A 216 -5.35 -0.99 -0.64
N GLY A 217 -4.76 0.17 -0.32
CA GLY A 217 -5.23 1.01 0.75
C GLY A 217 -5.20 2.40 0.27
N THR A 218 -4.72 3.32 1.11
CA THR A 218 -4.50 4.68 0.77
C THR A 218 -3.69 4.65 -0.50
N GLY A 219 -2.65 3.84 -0.47
CA GLY A 219 -1.76 3.63 -1.63
C GLY A 219 -1.77 2.14 -1.95
N CYS A 220 -0.96 1.78 -2.91
CA CYS A 220 -1.07 0.44 -3.50
C CYS A 220 0.33 -0.07 -3.94
N ASN A 221 0.66 -1.29 -3.60
CA ASN A 221 2.01 -1.77 -3.86
C ASN A 221 2.03 -3.22 -3.62
N ALA A 222 3.10 -3.85 -3.98
CA ALA A 222 3.25 -5.25 -3.62
C ALA A 222 4.71 -5.56 -3.50
N CYS A 223 4.95 -6.77 -2.98
CA CYS A 223 6.34 -7.23 -2.84
C CYS A 223 6.26 -8.68 -3.01
N TYR A 224 7.36 -9.38 -3.31
CA TYR A 224 7.27 -10.83 -3.45
C TYR A 224 8.61 -11.53 -3.26
N MET A 225 8.62 -12.86 -3.18
CA MET A 225 9.92 -13.53 -3.01
C MET A 225 10.67 -13.81 -4.33
N GLU A 226 11.87 -13.25 -4.57
CA GLU A 226 12.61 -13.38 -5.80
C GLU A 226 13.79 -14.28 -5.59
N GLU A 227 14.33 -14.82 -6.69
CA GLU A 227 15.49 -15.74 -6.63
C GLU A 227 16.66 -14.90 -6.57
N MET A 228 17.49 -15.10 -5.53
CA MET A 228 18.68 -14.25 -5.30
C MET A 228 19.50 -14.04 -6.57
N GLN A 229 19.54 -15.09 -7.46
CA GLN A 229 20.25 -14.92 -8.77
C GLN A 229 19.70 -13.73 -9.57
N ASN A 230 18.41 -13.43 -9.41
CA ASN A 230 17.78 -12.42 -10.26
C ASN A 230 17.88 -11.06 -9.68
N VAL A 231 17.96 -10.99 -8.35
CA VAL A 231 18.39 -9.79 -7.60
C VAL A 231 19.89 -9.44 -7.81
N GLU A 232 20.22 -8.69 -8.86
CA GLU A 232 21.57 -8.26 -9.12
C GLU A 232 22.27 -7.28 -8.17
N LEU A 233 21.49 -6.52 -7.40
CA LEU A 233 21.98 -5.45 -6.56
C LEU A 233 22.35 -6.05 -5.19
N VAL A 234 22.14 -7.33 -4.99
CA VAL A 234 22.65 -7.92 -3.76
C VAL A 234 23.46 -9.07 -4.24
N GLU A 235 24.77 -9.03 -3.94
CA GLU A 235 25.67 -10.16 -4.27
C GLU A 235 25.16 -11.45 -3.73
N GLY A 236 25.14 -12.48 -4.55
CA GLY A 236 24.76 -13.75 -4.04
C GLY A 236 23.73 -14.41 -4.91
N ASP A 237 23.76 -15.74 -4.93
CA ASP A 237 22.91 -16.41 -5.85
C ASP A 237 22.05 -17.41 -5.17
N GLU A 238 22.21 -17.64 -3.88
CA GLU A 238 21.47 -18.74 -3.25
C GLU A 238 20.24 -18.29 -2.55
N GLY A 239 19.18 -19.07 -2.66
CA GLY A 239 17.92 -18.75 -1.96
C GLY A 239 17.10 -17.59 -2.59
N ARG A 240 16.32 -16.97 -1.73
CA ARG A 240 15.27 -16.04 -2.09
C ARG A 240 15.35 -14.80 -1.21
N MET A 241 15.09 -13.64 -1.77
CA MET A 241 14.94 -12.45 -0.96
C MET A 241 13.62 -11.72 -1.34
N CYS A 242 12.87 -11.27 -0.36
CA CYS A 242 11.67 -10.55 -0.70
C CYS A 242 12.11 -9.25 -1.33
N VAL A 243 11.44 -8.89 -2.43
CA VAL A 243 11.67 -7.59 -3.13
C VAL A 243 10.46 -6.66 -3.04
N ASN A 244 10.71 -5.36 -2.85
CA ASN A 244 9.62 -4.42 -2.75
C ASN A 244 9.44 -3.77 -4.10
N THR A 245 8.37 -4.09 -4.85
CA THR A 245 8.44 -3.78 -6.28
C THR A 245 8.27 -2.27 -6.25
N GLU A 246 7.59 -1.66 -5.26
CA GLU A 246 7.06 -0.27 -5.48
C GLU A 246 6.27 -0.03 -6.81
N TRP A 247 5.33 -0.91 -7.15
CA TRP A 247 4.67 -0.76 -8.43
C TRP A 247 3.81 0.53 -8.58
N GLY A 248 3.54 1.18 -7.47
CA GLY A 248 2.81 2.40 -7.46
C GLY A 248 3.38 3.34 -8.44
N ALA A 249 4.68 3.20 -8.73
CA ALA A 249 5.30 4.19 -9.62
C ALA A 249 5.34 3.78 -11.12
N PHE A 250 4.73 2.64 -11.42
CA PHE A 250 4.71 2.17 -12.82
C PHE A 250 3.92 3.29 -13.54
N GLY A 251 4.28 3.67 -14.76
CA GLY A 251 3.57 4.74 -15.49
C GLY A 251 4.37 6.05 -15.43
N ASP A 252 5.27 6.17 -14.45
CA ASP A 252 6.09 7.38 -14.41
C ASP A 252 7.12 7.48 -15.56
N SER A 253 7.29 6.48 -16.43
CA SER A 253 8.19 6.63 -17.58
C SER A 253 7.29 6.56 -18.80
N GLY A 254 6.02 6.91 -18.61
CA GLY A 254 5.02 6.92 -19.66
C GLY A 254 4.48 5.58 -20.15
N GLU A 255 4.56 4.53 -19.33
CA GLU A 255 4.08 3.23 -19.66
C GLU A 255 2.55 3.14 -19.68
N LEU A 256 1.86 4.14 -19.13
CA LEU A 256 0.39 4.04 -19.07
C LEU A 256 -0.30 5.10 -19.90
N ASP A 257 0.44 5.75 -20.79
CA ASP A 257 -0.06 7.01 -21.39
C ASP A 257 -1.31 6.76 -22.16
N GLU A 258 -1.41 5.59 -22.74
CA GLU A 258 -2.52 5.41 -23.56
C GLU A 258 -3.80 5.15 -22.79
N PHE A 259 -3.70 4.82 -21.52
CA PHE A 259 -4.87 4.47 -20.73
C PHE A 259 -5.30 5.63 -19.89
N LEU A 260 -4.49 6.67 -19.83
CA LEU A 260 -4.72 7.66 -18.78
C LEU A 260 -5.75 8.68 -19.25
N LEU A 261 -6.47 9.25 -18.33
CA LEU A 261 -7.67 9.93 -18.65
C LEU A 261 -7.50 11.33 -18.04
N GLU A 262 -8.35 12.24 -18.53
CA GLU A 262 -8.37 13.64 -18.22
C GLU A 262 -8.49 13.75 -16.72
N TYR A 263 -9.38 12.95 -16.11
CA TYR A 263 -9.49 12.89 -14.66
C TYR A 263 -8.17 12.46 -14.01
N ASP A 264 -7.45 11.54 -14.61
CA ASP A 264 -6.20 11.06 -14.02
C ASP A 264 -5.16 12.16 -14.17
N ARG A 265 -5.24 12.89 -15.30
CA ARG A 265 -4.35 14.02 -15.60
C ARG A 265 -4.61 15.12 -14.56
N LEU A 266 -5.85 15.38 -14.20
CA LEU A 266 -6.13 16.32 -13.10
C LEU A 266 -5.80 15.84 -11.66
N VAL A 267 -6.08 14.59 -11.29
CA VAL A 267 -5.64 14.18 -9.92
C VAL A 267 -4.12 14.33 -9.68
N ASP A 268 -3.36 13.95 -10.72
CA ASP A 268 -1.93 14.11 -10.85
C ASP A 268 -1.41 15.53 -10.64
N GLU A 269 -1.78 16.46 -11.53
CA GLU A 269 -1.33 17.87 -11.49
C GLU A 269 -1.52 18.48 -10.16
N SER A 270 -2.63 18.15 -9.51
CA SER A 270 -3.01 18.84 -8.29
C SER A 270 -2.50 18.15 -7.08
N SER A 271 -1.66 17.13 -7.26
CA SER A 271 -1.25 16.30 -6.13
C SER A 271 0.06 16.74 -5.51
N ALA A 272 0.38 16.25 -4.33
CA ALA A 272 1.66 16.53 -3.67
C ALA A 272 2.85 16.12 -4.56
N ASN A 273 2.62 15.22 -5.55
CA ASN A 273 3.75 14.56 -6.16
C ASN A 273 3.51 14.35 -7.62
N PRO A 274 3.36 15.44 -8.37
CA PRO A 274 2.99 15.47 -9.76
C PRO A 274 3.96 14.76 -10.66
N GLY A 275 3.49 13.79 -11.39
CA GLY A 275 4.31 13.09 -12.35
C GLY A 275 4.79 11.79 -11.79
N GLN A 276 4.67 11.59 -10.46
CA GLN A 276 5.00 10.33 -9.76
C GLN A 276 3.78 9.43 -9.28
N GLN A 277 4.06 8.16 -9.16
CA GLN A 277 3.10 7.23 -8.58
C GLN A 277 1.82 7.17 -9.41
N LEU A 278 1.96 7.11 -10.75
CA LEU A 278 0.84 7.20 -11.61
C LEU A 278 -0.09 5.98 -11.50
N TYR A 279 0.46 4.75 -11.46
CA TYR A 279 -0.31 3.57 -11.31
C TYR A 279 -1.07 3.60 -10.03
N GLU A 280 -0.45 3.89 -8.89
CA GLU A 280 -1.17 3.99 -7.64
C GLU A 280 -2.30 5.03 -7.70
N LYS A 281 -2.09 6.04 -8.54
CA LYS A 281 -3.13 7.13 -8.69
C LYS A 281 -4.45 6.67 -9.31
N LEU A 282 -4.42 5.54 -9.99
CA LEU A 282 -5.57 4.94 -10.60
C LEU A 282 -6.27 3.97 -9.67
N ILE A 283 -5.61 3.57 -8.58
CA ILE A 283 -6.12 2.51 -7.72
C ILE A 283 -6.31 2.93 -6.28
N GLY A 284 -5.37 3.69 -5.71
CA GLY A 284 -5.35 3.82 -4.28
C GLY A 284 -6.43 4.71 -3.67
N GLY A 285 -6.71 4.50 -2.37
CA GLY A 285 -7.77 5.22 -1.72
C GLY A 285 -7.46 6.70 -1.55
N LYS A 286 -6.25 7.15 -1.82
CA LYS A 286 -6.08 8.57 -1.55
C LYS A 286 -6.69 9.37 -2.75
N TYR A 287 -6.97 8.62 -3.83
CA TYR A 287 -7.29 9.19 -5.09
C TYR A 287 -8.61 8.77 -5.60
N MET A 288 -9.21 7.69 -5.07
CA MET A 288 -10.40 7.14 -5.68
C MET A 288 -11.55 8.18 -5.59
N GLY A 289 -11.84 8.66 -4.40
CA GLY A 289 -12.90 9.59 -4.17
C GLY A 289 -12.65 10.75 -5.11
N GLU A 290 -11.41 11.24 -5.13
CA GLU A 290 -11.16 12.41 -5.97
C GLU A 290 -11.43 12.10 -7.45
N LEU A 291 -11.21 10.90 -7.92
CA LEU A 291 -11.50 10.67 -9.34
C LEU A 291 -13.00 10.76 -9.52
N VAL A 292 -13.74 10.32 -8.51
CA VAL A 292 -15.15 10.29 -8.67
C VAL A 292 -15.66 11.73 -8.71
N ARG A 293 -15.02 12.58 -7.96
CA ARG A 293 -15.48 13.91 -7.78
C ARG A 293 -15.37 14.62 -9.08
N LEU A 294 -14.32 14.31 -9.80
CA LEU A 294 -13.98 14.97 -11.06
C LEU A 294 -14.90 14.39 -12.12
N VAL A 295 -15.23 13.11 -12.03
CA VAL A 295 -16.21 12.57 -12.99
C VAL A 295 -17.60 13.24 -12.79
N LEU A 296 -18.02 13.36 -11.52
CA LEU A 296 -19.25 14.04 -11.12
C LEU A 296 -19.26 15.51 -11.62
N LEU A 297 -18.12 16.20 -11.54
CA LEU A 297 -18.03 17.61 -12.02
C LEU A 297 -18.19 17.75 -13.59
N ARG A 298 -17.86 16.70 -14.30
CA ARG A 298 -17.82 16.77 -15.72
C ARG A 298 -19.25 16.50 -16.12
N LEU A 299 -19.94 15.65 -15.35
CA LEU A 299 -21.34 15.35 -15.59
C LEU A 299 -22.17 16.63 -15.28
N VAL A 300 -21.93 17.29 -14.16
CA VAL A 300 -22.62 18.49 -13.99
C VAL A 300 -22.29 19.55 -15.00
N ASP A 301 -21.04 19.67 -15.46
CA ASP A 301 -20.78 20.71 -16.43
C ASP A 301 -21.42 20.34 -17.79
N GLU A 302 -21.59 19.06 -18.05
CA GLU A 302 -22.35 18.63 -19.16
C GLU A 302 -23.85 18.70 -18.83
N ASN A 303 -24.22 19.12 -17.64
CA ASN A 303 -25.63 19.22 -17.42
C ASN A 303 -26.35 17.89 -17.25
N LEU A 304 -25.63 16.87 -16.78
CA LEU A 304 -26.22 15.60 -16.80
C LEU A 304 -26.60 15.18 -15.43
N LEU A 305 -26.33 16.02 -14.46
CA LEU A 305 -26.30 15.56 -13.08
C LEU A 305 -26.54 16.77 -12.15
N PHE A 306 -27.45 16.62 -11.18
CA PHE A 306 -27.80 17.79 -10.37
C PHE A 306 -28.21 19.01 -11.23
N HIS A 307 -28.90 18.75 -12.37
CA HIS A 307 -28.96 19.66 -13.55
C HIS A 307 -28.08 20.92 -13.52
N GLY A 308 -26.82 20.69 -13.80
CA GLY A 308 -25.94 21.71 -14.20
C GLY A 308 -25.38 22.46 -13.03
N GLU A 309 -25.85 22.19 -11.79
CA GLU A 309 -25.23 22.88 -10.62
C GLU A 309 -24.71 22.08 -9.41
N ALA A 310 -23.51 22.43 -8.95
CA ALA A 310 -22.82 21.70 -7.90
C ALA A 310 -22.60 22.51 -6.64
N SER A 311 -22.82 21.96 -5.45
CA SER A 311 -22.58 22.70 -4.22
C SER A 311 -21.15 23.23 -4.09
N GLU A 312 -20.90 24.11 -3.12
CA GLU A 312 -19.55 24.60 -2.94
C GLU A 312 -18.63 23.49 -2.50
N GLN A 313 -19.12 22.63 -1.61
CA GLN A 313 -18.38 21.43 -1.22
C GLN A 313 -18.00 20.52 -2.39
N LEU A 314 -18.94 20.16 -3.25
CA LEU A 314 -18.62 19.30 -4.33
C LEU A 314 -17.43 19.89 -5.08
N ARG A 315 -17.34 21.21 -5.11
CA ARG A 315 -16.27 21.81 -5.92
C ARG A 315 -14.98 21.94 -5.16
N THR A 316 -14.91 21.57 -3.89
CA THR A 316 -13.59 21.65 -3.24
C THR A 316 -12.76 20.36 -3.32
N ARG A 317 -11.49 20.47 -3.71
CA ARG A 317 -10.62 19.28 -3.76
C ARG A 317 -10.77 18.49 -2.47
N GLY A 318 -10.95 17.20 -2.56
CA GLY A 318 -10.91 16.39 -1.35
C GLY A 318 -12.23 16.01 -0.73
N ALA A 319 -13.30 16.71 -1.07
CA ALA A 319 -14.58 16.46 -0.41
C ALA A 319 -15.29 15.11 -0.68
N PHE A 320 -15.06 14.50 -1.83
CA PHE A 320 -15.69 13.19 -2.07
C PHE A 320 -14.73 12.06 -1.54
N GLU A 321 -14.88 11.76 -0.27
CA GLU A 321 -13.95 10.87 0.41
C GLU A 321 -14.03 9.50 -0.17
N THR A 322 -12.92 8.84 -0.22
CA THR A 322 -12.93 7.52 -0.73
C THR A 322 -13.92 6.63 -0.07
N ARG A 323 -14.27 6.89 1.18
CA ARG A 323 -15.11 5.96 1.93
C ARG A 323 -16.53 6.13 1.40
N PHE A 324 -16.80 7.28 0.80
CA PHE A 324 -18.09 7.57 0.20
C PHE A 324 -18.23 6.69 -1.04
N VAL A 325 -17.15 6.44 -1.76
CA VAL A 325 -17.24 5.64 -2.98
C VAL A 325 -17.79 4.26 -2.58
N SER A 326 -17.40 3.81 -1.40
CA SER A 326 -17.74 2.48 -1.05
C SER A 326 -19.07 2.39 -0.30
N GLN A 327 -19.47 3.49 0.31
CA GLN A 327 -20.85 3.51 0.76
C GLN A 327 -21.86 3.62 -0.34
N VAL A 328 -21.70 4.57 -1.24
CA VAL A 328 -22.55 4.53 -2.45
C VAL A 328 -22.68 3.14 -3.16
N GLU A 329 -21.61 2.37 -3.29
CA GLU A 329 -21.78 1.04 -3.87
C GLU A 329 -22.39 0.01 -2.94
N SER A 330 -22.74 0.42 -1.76
CA SER A 330 -23.41 -0.52 -0.83
C SER A 330 -24.86 -0.21 -0.72
N ASP A 331 -25.24 0.93 -1.24
CA ASP A 331 -26.63 1.19 -1.27
C ASP A 331 -27.38 -0.10 -1.75
N THR A 332 -28.53 -0.37 -1.15
CA THR A 332 -29.28 -1.61 -1.41
C THR A 332 -30.18 -1.54 -2.63
N GLY A 333 -30.31 -0.30 -3.15
CA GLY A 333 -31.31 0.01 -4.18
C GLY A 333 -32.37 1.08 -3.82
N ASP A 334 -32.39 1.50 -2.54
CA ASP A 334 -33.36 2.41 -1.98
C ASP A 334 -32.84 3.87 -2.07
N ARG A 335 -31.60 4.05 -2.49
CA ARG A 335 -30.99 5.38 -2.66
C ARG A 335 -30.75 6.08 -1.35
N LYS A 336 -31.14 5.41 -0.29
CA LYS A 336 -31.14 6.03 1.01
C LYS A 336 -29.73 6.44 1.44
N GLN A 337 -28.72 5.61 1.23
CA GLN A 337 -27.49 6.18 1.62
C GLN A 337 -26.73 6.96 0.56
N ILE A 338 -27.04 6.70 -0.72
CA ILE A 338 -26.61 7.66 -1.74
C ILE A 338 -27.20 9.00 -1.39
N TYR A 339 -28.53 9.13 -1.24
CA TYR A 339 -29.15 10.39 -0.76
C TYR A 339 -28.43 11.08 0.38
N ASN A 340 -28.18 10.37 1.48
CA ASN A 340 -27.57 10.98 2.64
C ASN A 340 -26.19 11.53 2.46
N ILE A 341 -25.31 10.83 1.74
CA ILE A 341 -23.99 11.39 1.27
C ILE A 341 -24.22 12.60 0.37
N LEU A 342 -25.00 12.45 -0.68
CA LEU A 342 -25.12 13.65 -1.48
C LEU A 342 -25.72 14.83 -0.66
N SER A 343 -26.64 14.55 0.25
CA SER A 343 -27.30 15.58 0.98
C SER A 343 -26.32 16.24 1.92
N THR A 344 -25.32 15.48 2.41
CA THR A 344 -24.29 16.03 3.29
C THR A 344 -23.34 17.03 2.57
N LEU A 345 -23.01 16.76 1.31
CA LEU A 345 -22.16 17.60 0.51
C LEU A 345 -22.99 18.70 -0.06
N GLY A 346 -24.19 18.95 0.51
CA GLY A 346 -25.00 20.11 0.09
C GLY A 346 -25.70 19.97 -1.24
N LEU A 347 -25.99 18.76 -1.69
CA LEU A 347 -26.71 18.53 -2.95
C LEU A 347 -28.10 18.00 -2.64
N ARG A 348 -29.02 18.06 -3.59
CA ARG A 348 -30.35 17.52 -3.34
C ARG A 348 -30.70 16.66 -4.53
N PRO A 349 -30.22 15.44 -4.56
CA PRO A 349 -30.28 14.67 -5.80
C PRO A 349 -31.65 14.01 -6.12
N SER A 350 -31.92 13.77 -7.41
CA SER A 350 -33.10 13.05 -7.82
C SER A 350 -32.79 11.60 -7.86
N THR A 351 -33.81 10.80 -8.04
CA THR A 351 -33.65 9.39 -8.30
C THR A 351 -32.51 9.13 -9.28
N THR A 352 -32.56 9.80 -10.42
CA THR A 352 -31.72 9.44 -11.47
C THR A 352 -30.32 9.96 -11.15
N ASP A 353 -30.19 11.09 -10.50
CA ASP A 353 -28.93 11.54 -9.98
C ASP A 353 -28.26 10.43 -9.12
N CYS A 354 -28.97 9.91 -8.12
CA CYS A 354 -28.41 8.88 -7.37
C CYS A 354 -27.95 7.71 -8.28
N ASP A 355 -28.65 7.39 -9.33
CA ASP A 355 -28.20 6.21 -10.05
C ASP A 355 -26.91 6.51 -10.80
N ILE A 356 -26.82 7.72 -11.33
CA ILE A 356 -25.74 8.10 -12.14
C ILE A 356 -24.48 8.14 -11.22
N VAL A 357 -24.62 8.81 -10.08
CA VAL A 357 -23.59 8.79 -9.12
C VAL A 357 -23.14 7.39 -8.76
N ARG A 358 -24.04 6.42 -8.62
CA ARG A 358 -23.59 5.12 -8.31
C ARG A 358 -22.77 4.52 -9.53
N ARG A 359 -23.29 4.73 -10.74
CA ARG A 359 -22.65 4.27 -11.96
C ARG A 359 -21.20 4.83 -12.02
N ALA A 360 -21.03 6.07 -11.57
CA ALA A 360 -19.76 6.75 -11.63
C ALA A 360 -18.78 6.10 -10.64
N CYS A 361 -19.24 5.82 -9.41
CA CYS A 361 -18.39 5.12 -8.42
C CYS A 361 -17.99 3.80 -8.99
N GLU A 362 -18.94 2.99 -9.52
CA GLU A 362 -18.65 1.68 -10.14
C GLU A 362 -17.62 1.75 -11.25
N SER A 363 -17.59 2.90 -11.90
CA SER A 363 -16.79 2.91 -13.06
C SER A 363 -15.32 3.04 -12.64
N VAL A 364 -15.07 3.83 -11.59
CA VAL A 364 -13.75 4.13 -11.08
C VAL A 364 -13.25 2.92 -10.28
N SER A 365 -14.10 2.44 -9.38
CA SER A 365 -13.65 1.35 -8.59
C SER A 365 -13.45 0.12 -9.47
N THR A 366 -14.12 -0.01 -10.64
CA THR A 366 -14.00 -1.31 -11.38
C THR A 366 -12.71 -1.26 -12.13
N ARG A 367 -12.47 -0.07 -12.69
CA ARG A 367 -11.12 0.21 -13.28
C ARG A 367 -9.98 -0.01 -12.25
N ALA A 368 -10.15 0.38 -10.99
CA ALA A 368 -9.01 0.23 -10.09
C ALA A 368 -8.76 -1.24 -9.92
N ALA A 369 -9.84 -1.98 -9.78
CA ALA A 369 -9.75 -3.37 -9.49
C ALA A 369 -9.04 -4.05 -10.64
N HIS A 370 -9.26 -3.56 -11.85
CA HIS A 370 -8.81 -4.30 -13.03
C HIS A 370 -7.35 -3.96 -13.24
N MET A 371 -7.00 -2.68 -13.09
CA MET A 371 -5.64 -2.22 -13.25
C MET A 371 -4.77 -2.92 -12.23
N CYS A 372 -5.27 -3.02 -11.00
CA CYS A 372 -4.54 -3.64 -9.94
C CYS A 372 -4.33 -5.19 -10.22
N SER A 373 -5.32 -5.84 -10.82
CA SER A 373 -5.23 -7.30 -11.13
C SER A 373 -4.17 -7.53 -12.18
N ALA A 374 -3.94 -6.54 -13.01
CA ALA A 374 -2.89 -6.72 -14.03
C ALA A 374 -1.47 -6.68 -13.41
N GLY A 375 -1.24 -5.81 -12.41
CA GLY A 375 0.05 -5.73 -11.70
C GLY A 375 0.23 -7.08 -11.01
N LEU A 376 -0.77 -7.52 -10.24
CA LEU A 376 -0.59 -8.74 -9.55
C LEU A 376 -0.41 -9.92 -10.46
N ALA A 377 -1.06 -9.93 -11.64
CA ALA A 377 -0.86 -11.18 -12.43
C ALA A 377 0.53 -11.05 -13.07
N GLY A 378 0.97 -9.82 -13.30
CA GLY A 378 2.35 -9.59 -13.77
C GLY A 378 3.37 -10.26 -12.84
N VAL A 379 3.24 -10.03 -11.51
CA VAL A 379 4.12 -10.52 -10.51
C VAL A 379 3.96 -12.04 -10.43
N ILE A 380 2.73 -12.53 -10.33
CA ILE A 380 2.54 -13.97 -10.21
C ILE A 380 2.98 -14.73 -11.49
N ASN A 381 2.77 -14.18 -12.71
CA ASN A 381 3.28 -14.92 -13.89
C ASN A 381 4.83 -14.84 -14.00
N ARG A 382 5.46 -13.87 -13.39
CA ARG A 382 6.89 -13.83 -13.39
C ARG A 382 7.42 -14.98 -12.51
N MET A 383 6.72 -15.20 -11.42
CA MET A 383 7.12 -16.22 -10.54
C MET A 383 6.92 -17.61 -11.13
N ARG A 384 5.88 -17.77 -11.98
CA ARG A 384 5.61 -18.96 -12.75
C ARG A 384 6.85 -19.26 -13.62
N GLU A 385 7.34 -18.26 -14.34
CA GLU A 385 8.52 -18.42 -15.20
C GLU A 385 9.64 -19.17 -14.44
N SER A 386 9.90 -18.75 -13.20
CA SER A 386 11.01 -19.28 -12.35
C SER A 386 10.55 -20.46 -11.49
N ARG A 387 10.33 -21.64 -12.09
CA ARG A 387 9.44 -22.61 -11.46
C ARG A 387 8.77 -23.62 -12.50
N SER A 388 8.21 -24.72 -11.98
CA SER A 388 8.36 -26.05 -12.63
C SER A 388 7.29 -27.13 -12.33
N GLU A 389 6.61 -27.02 -11.18
CA GLU A 389 5.40 -27.82 -10.97
C GLU A 389 4.36 -27.43 -12.07
N ASP A 390 3.50 -28.34 -12.53
CA ASP A 390 2.68 -27.96 -13.73
C ASP A 390 1.65 -26.84 -13.40
N VAL A 391 1.29 -26.77 -12.12
CA VAL A 391 0.39 -25.74 -11.65
C VAL A 391 1.09 -25.03 -10.49
N MET A 392 1.36 -23.74 -10.65
CA MET A 392 1.86 -22.96 -9.49
C MET A 392 0.79 -22.66 -8.45
N ARG A 393 0.93 -23.21 -7.26
CA ARG A 393 0.05 -22.84 -6.16
C ARG A 393 0.72 -21.77 -5.37
N ILE A 394 0.09 -20.63 -5.11
CA ILE A 394 0.72 -19.56 -4.34
C ILE A 394 -0.35 -18.78 -3.50
N THR A 395 0.07 -18.24 -2.35
CA THR A 395 -0.79 -17.48 -1.49
C THR A 395 -0.35 -16.04 -1.51
N VAL A 396 -1.28 -15.09 -1.58
CA VAL A 396 -1.01 -13.70 -1.57
C VAL A 396 -1.66 -13.16 -0.34
N GLY A 397 -0.82 -12.52 0.50
CA GLY A 397 -1.33 -11.87 1.69
C GLY A 397 -1.70 -10.47 1.29
N VAL A 398 -2.85 -10.00 1.79
CA VAL A 398 -3.39 -8.72 1.42
C VAL A 398 -3.88 -7.96 2.64
N ASP A 399 -3.73 -6.64 2.56
CA ASP A 399 -4.23 -5.67 3.55
C ASP A 399 -4.63 -4.33 2.87
N GLY A 400 -5.31 -3.40 3.54
CA GLY A 400 -5.85 -2.19 2.84
C GLY A 400 -7.37 -1.94 2.84
N SER A 401 -7.83 -0.75 3.20
CA SER A 401 -9.28 -0.55 3.30
C SER A 401 -9.99 -0.71 1.94
N VAL A 402 -9.31 -0.43 0.84
CA VAL A 402 -10.00 -0.56 -0.45
C VAL A 402 -10.30 -2.07 -0.72
N TYR A 403 -9.27 -2.92 -0.64
CA TYR A 403 -9.40 -4.33 -0.88
C TYR A 403 -10.29 -4.93 0.14
N LYS A 404 -10.21 -4.49 1.39
CA LYS A 404 -10.83 -5.27 2.45
C LYS A 404 -12.26 -4.85 2.59
N LEU A 405 -12.54 -3.53 2.57
CA LEU A 405 -13.86 -2.99 2.91
C LEU A 405 -14.82 -2.58 1.79
N HIS A 406 -14.32 -2.31 0.59
CA HIS A 406 -15.17 -1.93 -0.54
C HIS A 406 -16.07 -3.05 -0.98
N PRO A 407 -17.35 -2.84 -1.09
CA PRO A 407 -18.26 -3.95 -1.35
C PRO A 407 -17.91 -4.96 -2.43
N SER A 408 -17.36 -4.62 -3.58
CA SER A 408 -17.17 -5.78 -4.47
C SER A 408 -15.81 -5.74 -5.25
N PHE A 409 -14.88 -4.96 -4.71
CA PHE A 409 -13.59 -4.77 -5.29
C PHE A 409 -12.83 -6.11 -5.21
N LYS A 410 -12.73 -6.67 -4.02
CA LYS A 410 -12.07 -7.94 -3.95
C LYS A 410 -12.62 -8.93 -4.94
N GLU A 411 -13.93 -9.11 -5.06
CA GLU A 411 -14.30 -10.19 -6.05
C GLU A 411 -13.99 -9.87 -7.55
N ARG A 412 -14.24 -8.61 -8.00
CA ARG A 412 -13.87 -8.28 -9.34
C ARG A 412 -12.38 -8.52 -9.48
N PHE A 413 -11.61 -8.07 -8.49
CA PHE A 413 -10.18 -8.22 -8.51
C PHE A 413 -9.76 -9.68 -8.54
N HIS A 414 -10.33 -10.53 -7.72
CA HIS A 414 -9.96 -12.01 -7.83
C HIS A 414 -10.32 -12.63 -9.19
N ALA A 415 -11.50 -12.28 -9.72
CA ALA A 415 -11.96 -12.83 -11.00
C ALA A 415 -11.01 -12.42 -12.04
N SER A 416 -10.58 -11.17 -12.03
CA SER A 416 -9.71 -10.70 -13.10
C SER A 416 -8.20 -11.20 -12.91
N VAL A 417 -7.65 -11.27 -11.67
CA VAL A 417 -6.30 -11.82 -11.51
C VAL A 417 -6.38 -13.25 -12.14
N ARG A 418 -7.45 -13.96 -11.86
CA ARG A 418 -7.52 -15.36 -12.35
C ARG A 418 -7.68 -15.48 -13.86
N ARG A 419 -8.48 -14.65 -14.53
CA ARG A 419 -8.37 -14.64 -16.00
C ARG A 419 -6.89 -14.50 -16.43
N LEU A 420 -6.12 -13.60 -15.81
CA LEU A 420 -4.78 -13.32 -16.34
C LEU A 420 -3.72 -14.36 -15.98
N THR A 421 -4.08 -15.38 -15.20
CA THR A 421 -3.06 -16.31 -14.66
C THR A 421 -3.36 -17.78 -14.87
N PRO A 422 -3.44 -18.18 -16.14
CA PRO A 422 -3.71 -19.57 -16.36
C PRO A 422 -2.59 -20.44 -15.74
N SER A 423 -3.04 -21.60 -15.27
CA SER A 423 -2.22 -22.56 -14.53
C SER A 423 -1.50 -22.02 -13.30
N CYS A 424 -2.06 -20.98 -12.69
CA CYS A 424 -1.80 -20.73 -11.26
C CYS A 424 -3.05 -20.99 -10.49
N GLU A 425 -2.88 -21.42 -9.25
CA GLU A 425 -3.92 -21.61 -8.29
C GLU A 425 -3.58 -20.66 -7.08
N ILE A 426 -4.35 -19.57 -6.94
CA ILE A 426 -4.08 -18.54 -6.00
C ILE A 426 -4.97 -18.49 -4.79
N THR A 427 -4.37 -18.50 -3.59
CA THR A 427 -5.15 -18.26 -2.39
C THR A 427 -4.90 -16.83 -1.84
N PHE A 428 -5.95 -16.17 -1.35
CA PHE A 428 -5.88 -14.83 -0.86
C PHE A 428 -6.18 -14.90 0.60
N ILE A 429 -5.34 -14.26 1.39
CA ILE A 429 -5.42 -14.26 2.87
C ILE A 429 -5.40 -12.82 3.26
N GLU A 430 -6.35 -12.44 4.08
CA GLU A 430 -6.38 -11.11 4.53
C GLU A 430 -5.59 -11.13 5.83
N SER A 431 -4.59 -10.28 5.90
CA SER A 431 -3.65 -10.37 6.99
C SER A 431 -4.30 -9.94 8.33
N GLU A 432 -3.98 -10.66 9.40
CA GLU A 432 -4.63 -10.28 10.66
C GLU A 432 -4.01 -9.11 11.29
N GLU A 433 -2.81 -9.12 11.80
CA GLU A 433 -2.43 -7.73 12.12
C GLU A 433 -1.09 -7.49 11.49
N GLY A 434 -1.14 -7.44 10.15
CA GLY A 434 -0.02 -7.75 9.37
C GLY A 434 1.12 -6.85 9.69
N SER A 435 0.88 -5.60 9.96
CA SER A 435 1.96 -4.68 9.98
C SER A 435 2.77 -4.79 11.31
N GLY A 436 2.05 -4.96 12.43
CA GLY A 436 2.63 -5.04 13.77
C GLY A 436 3.32 -6.33 13.92
N ARG A 437 2.58 -7.44 13.82
CA ARG A 437 3.15 -8.76 13.85
C ARG A 437 4.20 -8.98 12.78
N GLY A 438 4.26 -8.14 11.77
CA GLY A 438 5.13 -8.45 10.66
C GLY A 438 6.45 -7.90 11.03
N ALA A 439 6.55 -6.59 11.15
CA ALA A 439 7.67 -5.95 11.74
C ALA A 439 8.30 -6.85 12.88
N ALA A 440 7.51 -7.30 13.82
CA ALA A 440 8.01 -8.01 14.95
C ALA A 440 8.50 -9.36 14.57
N LEU A 441 7.82 -10.06 13.67
CA LEU A 441 8.32 -11.40 13.18
C LEU A 441 9.77 -11.37 12.55
N VAL A 442 10.15 -10.19 12.04
CA VAL A 442 11.30 -9.97 11.24
C VAL A 442 12.38 -9.49 12.17
N SER A 443 12.14 -8.36 12.84
CA SER A 443 12.75 -8.05 14.13
C SER A 443 13.18 -9.28 14.92
N ALA A 444 12.28 -10.18 15.29
CA ALA A 444 12.72 -11.45 15.92
C ALA A 444 13.80 -12.28 15.21
N VAL A 445 13.81 -12.29 13.89
CA VAL A 445 14.80 -13.13 13.22
C VAL A 445 16.05 -12.28 13.09
N ALA A 446 15.90 -10.97 13.04
CA ALA A 446 17.05 -10.06 12.91
C ALA A 446 17.86 -10.07 14.18
N CYS A 447 17.15 -10.13 15.30
CA CYS A 447 17.71 -10.32 16.61
C CYS A 447 18.64 -11.53 16.76
N LYS A 448 18.28 -12.68 16.18
CA LYS A 448 19.18 -13.84 16.23
C LYS A 448 20.55 -13.47 15.64
N LYS A 449 20.58 -12.49 14.73
CA LYS A 449 21.85 -11.94 14.19
C LYS A 449 22.36 -10.70 14.98
N ALA A 450 22.04 -10.61 16.28
CA ALA A 450 22.47 -9.45 17.09
C ALA A 450 21.71 -9.29 18.41
N CYS A 451 22.07 -10.13 19.38
CA CYS A 451 21.86 -9.87 20.82
C CYS A 451 22.08 -11.16 21.64
#